data_2BMU
#
_entry.id   2BMU
#
_cell.length_a   144.564
_cell.length_b   144.564
_cell.length_c   144.564
_cell.angle_alpha   90.00
_cell.angle_beta   90.00
_cell.angle_gamma   90.00
#
_symmetry.space_group_name_H-M   'I 2 3'
#
loop_
_entity.id
_entity.type
_entity.pdbx_description
1 polymer 'URIDYLATE KINASE'
2 non-polymer 'PHOSPHOAMINOPHOSPHONIC ACID-ADENYLATE ESTER'
3 non-polymer "URIDINE-5'-MONOPHOSPHATE"
4 non-polymer 'MAGNESIUM ION'
5 water water
#
_entity_poly.entity_id   1
_entity_poly.type   'polypeptide(L)'
_entity_poly.pdbx_seq_one_letter_code
;A(MSE)RIVFDIGGSVLVPENPDIDFIKEIAYQLTKVSEDHEVAVVVGGGKLARKYIEVAEKFNSSETFKDFIGIQITRA
NA(MSE)LLIAALREKAYPVVVEDFWEAWKAVQLKKIPV(MSE)GGTHPGHTTDAVAALLAEFLKADLLVVITNVDGVYT
ADPKKDPTAKKIKK(MSE)KPEELLEIVGKGIEKAGSSSVIDPLAAKIIARSGIKTIVIGKEDAKDLFRVIKGDHNGTTI
EP
;
_entity_poly.pdbx_strand_id   A,B
#
loop_
_chem_comp.id
_chem_comp.type
_chem_comp.name
_chem_comp.formula
ANP non-polymer 'PHOSPHOAMINOPHOSPHONIC ACID-ADENYLATE ESTER' 'C10 H17 N6 O12 P3'
MG non-polymer 'MAGNESIUM ION' 'Mg 2'
U5P non-polymer URIDINE-5'-MONOPHOSPHATE 'C9 H13 N2 O9 P'
#
# COMPACT_ATOMS: atom_id res chain seq x y z
N MSE A 2 1.96 28.43 -16.80
CA MSE A 2 2.74 28.08 -15.59
C MSE A 2 2.83 26.59 -15.31
O MSE A 2 1.93 25.83 -15.64
CB MSE A 2 2.14 28.76 -14.35
CG MSE A 2 2.60 30.17 -14.09
SE MSE A 2 2.00 30.79 -12.37
CE MSE A 2 3.64 30.60 -11.36
N ARG A 3 3.93 26.19 -14.70
CA ARG A 3 4.18 24.80 -14.35
C ARG A 3 4.10 24.73 -12.83
N ILE A 4 3.19 23.90 -12.31
CA ILE A 4 3.01 23.82 -10.88
C ILE A 4 3.07 22.39 -10.32
N VAL A 5 3.81 22.23 -9.23
CA VAL A 5 3.91 20.94 -8.57
C VAL A 5 3.24 21.05 -7.19
N PHE A 6 2.31 20.14 -6.93
CA PHE A 6 1.58 20.10 -5.65
C PHE A 6 2.04 18.93 -4.79
N ASP A 7 2.40 19.24 -3.55
CA ASP A 7 2.86 18.25 -2.58
C ASP A 7 1.83 18.13 -1.46
N ILE A 8 0.91 17.20 -1.65
CA ILE A 8 -0.19 16.96 -0.72
C ILE A 8 0.11 15.94 0.36
N GLY A 9 0.10 16.39 1.62
CA GLY A 9 0.40 15.54 2.75
C GLY A 9 -0.54 14.37 2.92
N GLY A 10 0.03 13.20 3.19
CA GLY A 10 -0.78 12.01 3.39
C GLY A 10 -1.74 12.17 4.54
N SER A 11 -1.30 12.88 5.59
CA SER A 11 -2.16 13.08 6.75
C SER A 11 -3.36 13.98 6.41
N VAL A 12 -3.24 14.79 5.36
CA VAL A 12 -4.32 15.65 4.93
C VAL A 12 -5.28 14.81 4.09
N LEU A 13 -4.71 13.94 3.26
CA LEU A 13 -5.46 13.06 2.38
C LEU A 13 -6.05 11.87 3.13
N VAL A 14 -5.28 11.35 4.08
CA VAL A 14 -5.70 10.22 4.90
C VAL A 14 -5.39 10.47 6.37
N PRO A 15 -6.30 11.16 7.07
CA PRO A 15 -6.18 11.51 8.50
C PRO A 15 -6.12 10.27 9.40
N GLU A 16 -7.05 9.37 9.18
CA GLU A 16 -7.18 8.11 9.90
C GLU A 16 -7.50 7.18 8.75
N ASN A 17 -8.68 7.41 8.16
CA ASN A 17 -9.14 6.67 7.00
C ASN A 17 -9.06 7.71 5.88
N PRO A 18 -9.21 7.29 4.62
CA PRO A 18 -9.13 8.31 3.58
C PRO A 18 -10.18 9.40 3.81
N ASP A 19 -9.84 10.66 3.52
CA ASP A 19 -10.78 11.77 3.70
C ASP A 19 -11.47 12.01 2.37
N ILE A 20 -12.48 11.19 2.07
CA ILE A 20 -13.23 11.29 0.81
C ILE A 20 -13.51 12.72 0.36
N ASP A 21 -14.23 13.47 1.18
CA ASP A 21 -14.59 14.85 0.85
C ASP A 21 -13.41 15.70 0.42
N PHE A 22 -12.32 15.63 1.17
CA PHE A 22 -11.15 16.42 0.82
C PHE A 22 -10.53 15.95 -0.48
N ILE A 23 -10.30 14.64 -0.59
CA ILE A 23 -9.75 14.05 -1.80
C ILE A 23 -10.58 14.58 -2.97
N LYS A 24 -11.88 14.42 -2.83
CA LYS A 24 -12.85 14.84 -3.82
C LYS A 24 -12.75 16.33 -4.14
N GLU A 25 -12.74 17.18 -3.11
N GLU A 25 -12.75 17.17 -3.10
CA GLU A 25 -12.65 18.62 -3.37
CA GLU A 25 -12.64 18.62 -3.25
C GLU A 25 -11.31 19.02 -3.97
C GLU A 25 -11.33 19.02 -3.92
N ILE A 26 -10.24 18.44 -3.44
CA ILE A 26 -8.91 18.75 -3.97
C ILE A 26 -8.77 18.27 -5.42
N ALA A 27 -9.47 17.20 -5.77
CA ALA A 27 -9.43 16.69 -7.14
C ALA A 27 -10.04 17.71 -8.09
N TYR A 28 -11.12 18.35 -7.66
CA TYR A 28 -11.79 19.37 -8.47
C TYR A 28 -10.89 20.58 -8.65
N GLN A 29 -10.26 21.02 -7.57
CA GLN A 29 -9.34 22.16 -7.64
C GLN A 29 -8.24 21.88 -8.64
N LEU A 30 -7.59 20.72 -8.47
CA LEU A 30 -6.51 20.32 -9.37
C LEU A 30 -7.00 20.27 -10.80
N THR A 31 -8.18 19.70 -11.01
CA THR A 31 -8.73 19.62 -12.36
C THR A 31 -8.92 21.02 -12.93
N LYS A 32 -9.44 21.91 -12.08
CA LYS A 32 -9.69 23.28 -12.50
C LYS A 32 -8.38 23.93 -12.87
N VAL A 33 -7.37 23.78 -12.02
CA VAL A 33 -6.07 24.38 -12.29
C VAL A 33 -5.38 23.85 -13.55
N SER A 34 -5.49 22.55 -13.80
CA SER A 34 -4.84 21.96 -14.97
C SER A 34 -5.43 22.47 -16.27
N GLU A 35 -6.57 23.14 -16.20
CA GLU A 35 -7.21 23.69 -17.39
C GLU A 35 -6.32 24.73 -18.07
N ASP A 36 -5.64 25.55 -17.28
CA ASP A 36 -4.75 26.58 -17.82
C ASP A 36 -3.30 26.42 -17.38
N HIS A 37 -3.02 25.40 -16.58
CA HIS A 37 -1.66 25.18 -16.12
C HIS A 37 -1.24 23.73 -16.25
N GLU A 38 0.07 23.51 -16.16
CA GLU A 38 0.60 22.15 -16.24
C GLU A 38 0.71 21.74 -14.79
N VAL A 39 0.04 20.63 -14.46
CA VAL A 39 0.00 20.12 -13.10
C VAL A 39 0.60 18.74 -12.88
N ALA A 40 1.39 18.63 -11.82
CA ALA A 40 2.03 17.39 -11.41
C ALA A 40 1.78 17.28 -9.89
N VAL A 41 1.64 16.06 -9.38
CA VAL A 41 1.33 15.88 -7.96
C VAL A 41 2.04 14.74 -7.27
N VAL A 42 2.40 14.95 -6.00
CA VAL A 42 2.99 13.89 -5.20
C VAL A 42 2.26 13.88 -3.86
N VAL A 43 1.91 12.69 -3.41
CA VAL A 43 1.14 12.44 -2.20
C VAL A 43 1.96 11.72 -1.12
N GLY A 44 1.70 12.04 0.15
CA GLY A 44 2.43 11.43 1.26
C GLY A 44 1.79 10.18 1.84
N GLY A 45 2.37 9.70 2.94
CA GLY A 45 1.89 8.49 3.60
C GLY A 45 0.84 8.66 4.68
N GLY A 46 1.02 9.64 5.54
CA GLY A 46 0.05 9.88 6.60
C GLY A 46 0.04 8.86 7.73
N LYS A 47 -1.10 8.86 8.44
CA LYS A 47 -1.36 7.98 9.57
C LYS A 47 -1.13 6.51 9.22
N LEU A 48 -1.59 6.10 8.04
CA LEU A 48 -1.45 4.72 7.62
C LEU A 48 0.02 4.31 7.48
N ALA A 49 0.83 5.20 6.92
CA ALA A 49 2.24 4.91 6.73
C ALA A 49 2.95 4.70 8.06
N ARG A 50 2.65 5.54 9.05
CA ARG A 50 3.27 5.41 10.36
C ARG A 50 2.81 4.13 11.07
N LYS A 51 1.56 3.75 10.86
CA LYS A 51 1.03 2.55 11.48
C LYS A 51 1.77 1.30 10.98
N TYR A 52 1.98 1.19 9.67
CA TYR A 52 2.68 0.04 9.12
C TYR A 52 4.15 0.10 9.46
N ILE A 53 4.69 1.30 9.58
CA ILE A 53 6.08 1.47 9.92
C ILE A 53 6.31 1.07 11.40
N GLU A 54 5.34 1.35 12.26
CA GLU A 54 5.48 0.99 13.66
C GLU A 54 5.51 -0.53 13.78
N VAL A 55 4.63 -1.21 13.05
CA VAL A 55 4.61 -2.68 13.10
C VAL A 55 5.98 -3.25 12.70
N ALA A 56 6.56 -2.73 11.63
CA ALA A 56 7.85 -3.20 11.17
C ALA A 56 8.92 -2.95 12.22
N GLU A 57 8.70 -1.91 13.02
CA GLU A 57 9.64 -1.54 14.08
C GLU A 57 9.66 -2.57 15.21
N LYS A 58 8.49 -3.14 15.52
CA LYS A 58 8.41 -4.15 16.55
C LYS A 58 9.15 -5.41 16.13
N PHE A 59 9.54 -5.48 14.86
CA PHE A 59 10.27 -6.63 14.34
C PHE A 59 11.72 -6.29 14.09
N ASN A 60 12.14 -5.12 14.56
CA ASN A 60 13.52 -4.67 14.42
C ASN A 60 14.03 -4.53 12.99
N SER A 61 13.17 -3.99 12.13
CA SER A 61 13.53 -3.77 10.74
C SER A 61 14.47 -2.57 10.69
N SER A 62 15.27 -2.51 9.65
CA SER A 62 16.19 -1.40 9.50
C SER A 62 15.35 -0.19 9.12
N GLU A 63 15.92 1.00 9.28
CA GLU A 63 15.22 2.22 8.94
C GLU A 63 14.97 2.23 7.42
N THR A 64 15.87 1.62 6.66
CA THR A 64 15.74 1.55 5.20
C THR A 64 14.52 0.74 4.77
N PHE A 65 14.28 -0.38 5.43
CA PHE A 65 13.13 -1.19 5.06
C PHE A 65 11.87 -0.49 5.49
N LYS A 66 11.93 0.20 6.63
CA LYS A 66 10.78 0.95 7.14
C LYS A 66 10.43 2.04 6.11
N ASP A 67 11.45 2.65 5.51
CA ASP A 67 11.22 3.67 4.48
C ASP A 67 10.49 3.05 3.27
N PHE A 68 10.95 1.87 2.84
CA PHE A 68 10.33 1.19 1.70
C PHE A 68 8.85 0.92 1.93
N ILE A 69 8.51 0.50 3.14
CA ILE A 69 7.12 0.22 3.51
C ILE A 69 6.33 1.52 3.42
N GLY A 70 6.93 2.60 3.89
CA GLY A 70 6.29 3.90 3.84
C GLY A 70 6.02 4.32 2.42
N ILE A 71 6.99 4.03 1.54
CA ILE A 71 6.85 4.36 0.14
C ILE A 71 5.68 3.59 -0.47
N GLN A 72 5.53 2.35 -0.05
CA GLN A 72 4.44 1.53 -0.56
C GLN A 72 3.10 2.14 -0.18
N ILE A 73 2.99 2.65 1.05
CA ILE A 73 1.74 3.26 1.48
C ILE A 73 1.47 4.56 0.70
N THR A 74 2.50 5.37 0.47
CA THR A 74 2.31 6.62 -0.26
C THR A 74 1.78 6.35 -1.67
N ARG A 75 2.20 5.24 -2.27
CA ARG A 75 1.73 4.91 -3.61
C ARG A 75 0.25 4.49 -3.60
N ALA A 76 -0.18 3.83 -2.52
CA ALA A 76 -1.58 3.41 -2.42
C ALA A 76 -2.44 4.67 -2.32
N ASN A 77 -2.00 5.64 -1.52
CA ASN A 77 -2.72 6.89 -1.35
C ASN A 77 -2.76 7.63 -2.68
N ALA A 78 -1.65 7.58 -3.42
CA ALA A 78 -1.56 8.27 -4.70
C ALA A 78 -2.64 7.75 -5.64
N MSE A 79 -2.93 6.45 -5.52
CA MSE A 79 -3.94 5.83 -6.38
C MSE A 79 -5.34 6.32 -6.09
O MSE A 79 -6.20 6.29 -6.99
CB MSE A 79 -3.86 4.33 -6.26
CG MSE A 79 -2.85 3.69 -7.21
SE MSE A 79 -2.48 1.85 -6.73
CE MSE A 79 -0.61 2.00 -6.31
N LEU A 80 -5.59 6.75 -4.86
CA LEU A 80 -6.91 7.25 -4.50
C LEU A 80 -7.11 8.60 -5.18
N LEU A 81 -6.05 9.41 -5.23
CA LEU A 81 -6.13 10.71 -5.88
C LEU A 81 -6.29 10.49 -7.38
N ILE A 82 -5.55 9.53 -7.93
CA ILE A 82 -5.65 9.22 -9.35
C ILE A 82 -7.10 8.84 -9.68
N ALA A 83 -7.70 8.07 -8.80
CA ALA A 83 -9.09 7.68 -8.99
C ALA A 83 -9.95 8.95 -9.03
N ALA A 84 -9.72 9.84 -8.07
CA ALA A 84 -10.46 11.08 -7.96
C ALA A 84 -10.35 11.97 -9.20
N LEU A 85 -9.15 12.07 -9.77
CA LEU A 85 -8.94 12.91 -10.94
C LEU A 85 -9.55 12.32 -12.22
N ARG A 86 -10.02 11.08 -12.13
CA ARG A 86 -10.64 10.41 -13.26
C ARG A 86 -9.77 10.54 -14.54
N GLU A 87 -10.42 10.92 -15.64
CA GLU A 87 -9.74 11.02 -16.94
C GLU A 87 -8.61 12.08 -17.08
N LYS A 88 -8.46 12.98 -16.10
CA LYS A 88 -7.40 13.97 -16.20
C LYS A 88 -6.06 13.47 -15.64
N ALA A 89 -6.05 12.28 -15.07
CA ALA A 89 -4.81 11.76 -14.49
C ALA A 89 -4.08 10.69 -15.29
N TYR A 90 -2.79 10.54 -14.99
CA TYR A 90 -1.96 9.49 -15.58
C TYR A 90 -2.52 8.28 -14.82
N PRO A 91 -2.97 7.24 -15.53
CA PRO A 91 -3.56 6.03 -14.95
C PRO A 91 -2.78 5.25 -13.89
N VAL A 92 -1.46 5.39 -13.86
CA VAL A 92 -0.67 4.65 -12.89
C VAL A 92 0.22 5.55 -12.05
N VAL A 93 0.69 5.02 -10.92
CA VAL A 93 1.54 5.78 -10.02
C VAL A 93 2.88 6.02 -10.70
N VAL A 94 3.31 7.26 -10.75
CA VAL A 94 4.56 7.63 -11.35
C VAL A 94 5.68 7.40 -10.34
N GLU A 95 6.77 6.80 -10.80
CA GLU A 95 7.88 6.49 -9.91
C GLU A 95 9.21 7.15 -10.33
N ASP A 96 9.23 7.73 -11.54
CA ASP A 96 10.43 8.38 -12.05
C ASP A 96 10.03 9.80 -12.41
N PHE A 97 11.01 10.70 -12.46
CA PHE A 97 10.72 12.06 -12.82
C PHE A 97 10.48 12.19 -14.33
N TRP A 98 11.16 11.38 -15.14
N TRP A 98 11.15 11.35 -15.10
CA TRP A 98 10.95 11.50 -16.58
CA TRP A 98 11.01 11.38 -16.56
C TRP A 98 9.56 11.03 -16.97
C TRP A 98 9.59 11.02 -16.95
N GLU A 99 9.01 10.05 -16.24
CA GLU A 99 7.66 9.61 -16.54
C GLU A 99 6.67 10.72 -16.21
N ALA A 100 6.96 11.50 -15.17
CA ALA A 100 6.09 12.60 -14.81
C ALA A 100 6.12 13.56 -15.99
N TRP A 101 7.31 13.78 -16.53
CA TRP A 101 7.51 14.66 -17.65
C TRP A 101 6.64 14.17 -18.82
N LYS A 102 6.67 12.87 -19.08
CA LYS A 102 5.86 12.31 -20.15
C LYS A 102 4.39 12.62 -19.94
N ALA A 103 3.89 12.33 -18.74
CA ALA A 103 2.50 12.59 -18.39
C ALA A 103 2.13 14.01 -18.77
N VAL A 104 2.97 14.96 -18.37
CA VAL A 104 2.75 16.36 -18.65
C VAL A 104 2.73 16.60 -20.16
N GLN A 105 3.60 15.93 -20.90
CA GLN A 105 3.60 16.08 -22.35
C GLN A 105 2.26 15.62 -22.91
N LEU A 106 1.59 14.71 -22.19
CA LEU A 106 0.31 14.21 -22.65
C LEU A 106 -0.88 14.99 -22.08
N LYS A 107 -0.60 16.14 -21.47
CA LYS A 107 -1.64 16.96 -20.90
C LYS A 107 -2.41 16.17 -19.82
N LYS A 108 -1.68 15.29 -19.15
CA LYS A 108 -2.28 14.48 -18.10
C LYS A 108 -1.60 14.82 -16.80
N ILE A 109 -2.28 14.58 -15.68
CA ILE A 109 -1.70 14.89 -14.39
C ILE A 109 -1.03 13.68 -13.78
N PRO A 110 0.29 13.75 -13.57
CA PRO A 110 0.97 12.60 -12.98
C PRO A 110 0.90 12.71 -11.45
N VAL A 111 0.62 11.60 -10.78
CA VAL A 111 0.57 11.61 -9.33
C VAL A 111 1.63 10.64 -8.84
N MSE A 112 2.61 11.16 -8.11
CA MSE A 112 3.68 10.32 -7.59
C MSE A 112 3.49 10.07 -6.10
O MSE A 112 2.78 10.80 -5.41
CB MSE A 112 5.04 10.98 -7.77
CG MSE A 112 5.44 11.34 -9.18
SE MSE A 112 7.23 12.08 -9.17
CE MSE A 112 8.24 10.43 -9.28
N GLY A 113 4.15 9.01 -5.64
CA GLY A 113 4.18 8.65 -4.24
C GLY A 113 5.68 8.78 -3.95
N GLY A 114 6.22 7.95 -3.07
CA GLY A 114 7.64 8.04 -2.76
C GLY A 114 8.54 7.51 -3.86
N THR A 115 9.85 7.67 -3.68
CA THR A 115 10.82 7.19 -4.66
C THR A 115 11.89 6.29 -4.06
N HIS A 116 12.72 6.85 -3.19
CA HIS A 116 13.79 6.11 -2.55
C HIS A 116 13.86 6.47 -1.07
N PRO A 117 14.55 5.66 -0.26
CA PRO A 117 14.68 5.89 1.19
C PRO A 117 15.55 7.08 1.59
N GLY A 118 15.44 7.51 2.84
CA GLY A 118 16.27 8.60 3.33
C GLY A 118 15.62 9.96 3.44
N HIS A 119 14.40 10.08 2.94
CA HIS A 119 13.67 11.35 2.99
C HIS A 119 12.19 11.05 2.90
N THR A 120 11.41 12.07 2.58
CA THR A 120 9.98 11.91 2.49
C THR A 120 9.48 12.33 1.12
N THR A 121 8.17 12.45 0.99
CA THR A 121 7.57 12.89 -0.26
C THR A 121 7.80 14.39 -0.47
N ASP A 122 8.09 15.14 0.60
CA ASP A 122 8.38 16.55 0.43
C ASP A 122 9.58 16.72 -0.50
N ALA A 123 10.60 15.89 -0.30
CA ALA A 123 11.81 15.95 -1.11
C ALA A 123 11.51 15.55 -2.55
N VAL A 124 10.65 14.54 -2.72
CA VAL A 124 10.28 14.06 -4.05
C VAL A 124 9.64 15.19 -4.84
N ALA A 125 8.76 15.94 -4.18
CA ALA A 125 8.08 17.06 -4.83
C ALA A 125 9.05 18.18 -5.18
N ALA A 126 10.03 18.41 -4.33
CA ALA A 126 11.02 19.47 -4.58
C ALA A 126 11.90 19.07 -5.75
N LEU A 127 12.39 17.84 -5.73
CA LEU A 127 13.23 17.36 -6.80
C LEU A 127 12.44 17.39 -8.11
N LEU A 128 11.17 17.01 -8.04
CA LEU A 128 10.28 17.00 -9.21
C LEU A 128 10.08 18.42 -9.74
N ALA A 129 9.90 19.37 -8.84
CA ALA A 129 9.70 20.76 -9.22
C ALA A 129 10.96 21.26 -9.88
N GLU A 130 12.09 20.90 -9.28
CA GLU A 130 13.40 21.28 -9.79
C GLU A 130 13.55 20.67 -11.19
N PHE A 131 13.28 19.38 -11.29
CA PHE A 131 13.39 18.67 -12.56
C PHE A 131 12.57 19.28 -13.70
N LEU A 132 11.30 19.53 -13.43
CA LEU A 132 10.40 20.09 -14.43
C LEU A 132 10.57 21.57 -14.61
N LYS A 133 11.46 22.17 -13.81
CA LYS A 133 11.68 23.61 -13.86
C LYS A 133 10.34 24.29 -13.66
N ALA A 134 9.58 23.76 -12.71
CA ALA A 134 8.26 24.29 -12.37
C ALA A 134 8.40 25.73 -11.88
N ASP A 135 7.34 26.50 -12.05
CA ASP A 135 7.33 27.89 -11.63
C ASP A 135 6.94 27.99 -10.16
N LEU A 136 6.26 26.97 -9.67
CA LEU A 136 5.77 27.01 -8.32
C LEU A 136 5.59 25.65 -7.66
N LEU A 137 5.94 25.57 -6.37
CA LEU A 137 5.77 24.36 -5.59
C LEU A 137 4.78 24.68 -4.46
N VAL A 138 3.63 24.00 -4.48
CA VAL A 138 2.62 24.22 -3.46
C VAL A 138 2.60 23.03 -2.50
N VAL A 139 2.90 23.29 -1.23
CA VAL A 139 2.91 22.28 -0.18
C VAL A 139 1.63 22.38 0.65
N ILE A 140 0.78 21.36 0.60
CA ILE A 140 -0.48 21.36 1.38
C ILE A 140 -0.28 20.41 2.55
N THR A 141 -0.36 20.96 3.77
CA THR A 141 -0.15 20.18 4.97
C THR A 141 -1.20 20.41 6.08
N ASN A 142 -0.89 19.93 7.28
N ASN A 142 -0.91 19.94 7.28
CA ASN A 142 -1.80 20.06 8.42
CA ASN A 142 -1.82 20.05 8.40
C ASN A 142 -1.83 21.41 9.12
C ASN A 142 -1.83 21.40 9.11
N VAL A 143 -0.83 22.24 8.86
CA VAL A 143 -0.80 23.58 9.47
C VAL A 143 -1.15 24.54 8.35
N ASP A 144 -1.46 25.79 8.67
CA ASP A 144 -1.82 26.76 7.65
C ASP A 144 -0.64 27.60 7.16
N GLY A 145 0.57 27.24 7.61
CA GLY A 145 1.76 27.96 7.20
C GLY A 145 2.98 27.59 8.02
N VAL A 146 4.10 28.26 7.78
CA VAL A 146 5.30 27.98 8.54
C VAL A 146 5.31 28.97 9.70
N TYR A 147 5.52 28.48 10.90
CA TYR A 147 5.53 29.34 12.08
C TYR A 147 6.93 29.38 12.66
N THR A 148 7.15 30.34 13.55
CA THR A 148 8.44 30.50 14.21
C THR A 148 8.68 29.30 15.10
N ALA A 149 7.60 28.59 15.40
CA ALA A 149 7.66 27.38 16.24
C ALA A 149 6.46 26.51 15.91
N ASP A 150 6.45 25.29 16.44
CA ASP A 150 5.37 24.36 16.21
C ASP A 150 4.03 24.94 16.71
N PRO A 151 3.17 25.39 15.79
CA PRO A 151 1.85 25.98 16.03
C PRO A 151 0.90 25.15 16.91
N LYS A 152 1.10 23.84 16.90
CA LYS A 152 0.25 22.94 17.67
C LYS A 152 0.80 22.64 19.04
N LYS A 153 1.97 23.19 19.35
CA LYS A 153 2.60 22.94 20.64
C LYS A 153 2.89 24.25 21.37
N ASP A 154 3.74 25.06 20.75
CA ASP A 154 4.19 26.33 21.30
C ASP A 154 3.20 27.50 21.18
N PRO A 155 2.85 28.13 22.31
CA PRO A 155 1.92 29.27 22.38
C PRO A 155 2.47 30.55 21.76
N THR A 156 3.80 30.64 21.69
CA THR A 156 4.45 31.82 21.15
C THR A 156 4.72 31.72 19.64
N ALA A 157 4.48 30.54 19.08
CA ALA A 157 4.69 30.33 17.65
C ALA A 157 3.95 31.39 16.85
N LYS A 158 4.68 32.06 15.96
CA LYS A 158 4.08 33.10 15.13
C LYS A 158 4.23 32.71 13.66
N LYS A 159 3.21 32.99 12.86
CA LYS A 159 3.25 32.66 11.45
C LYS A 159 4.15 33.58 10.65
N ILE A 160 5.03 32.99 9.86
CA ILE A 160 5.95 33.73 9.02
C ILE A 160 5.29 33.82 7.65
N LYS A 161 4.92 35.03 7.24
CA LYS A 161 4.24 35.23 5.97
C LYS A 161 5.14 35.08 4.74
N LYS A 162 6.38 35.53 4.86
CA LYS A 162 7.32 35.44 3.74
C LYS A 162 8.74 35.23 4.24
N MSE A 163 9.51 34.42 3.55
CA MSE A 163 10.89 34.17 3.96
C MSE A 163 11.72 33.63 2.81
O MSE A 163 11.20 33.33 1.74
CB MSE A 163 10.92 33.16 5.12
CG MSE A 163 10.46 31.75 4.72
SE MSE A 163 10.51 30.48 6.18
CE MSE A 163 8.69 30.66 6.79
N LYS A 164 13.02 33.49 3.05
CA LYS A 164 13.92 32.97 2.04
C LYS A 164 14.33 31.56 2.45
N PRO A 165 14.75 30.74 1.46
CA PRO A 165 15.17 29.36 1.72
C PRO A 165 16.10 29.27 2.93
N GLU A 166 17.04 30.19 3.02
CA GLU A 166 17.99 30.21 4.13
C GLU A 166 17.28 30.27 5.48
N GLU A 167 16.18 31.04 5.57
CA GLU A 167 15.44 31.13 6.82
C GLU A 167 14.67 29.85 7.09
N LEU A 168 14.03 29.31 6.05
CA LEU A 168 13.28 28.07 6.21
C LEU A 168 14.26 27.01 6.72
N LEU A 169 15.47 27.05 6.18
CA LEU A 169 16.53 26.13 6.55
C LEU A 169 16.87 26.17 8.05
N GLU A 170 16.87 27.36 8.64
CA GLU A 170 17.16 27.50 10.07
C GLU A 170 16.07 26.82 10.92
N ILE A 171 14.82 26.96 10.49
CA ILE A 171 13.70 26.38 11.20
C ILE A 171 13.68 24.84 11.11
N VAL A 172 14.40 24.31 10.13
CA VAL A 172 14.47 22.86 9.92
C VAL A 172 15.92 22.52 9.56
N GLY A 173 16.11 21.58 8.64
CA GLY A 173 17.45 21.21 8.18
C GLY A 173 18.42 20.52 9.14
N LYS A 174 18.15 20.59 10.43
CA LYS A 174 19.02 19.97 11.41
C LYS A 174 18.48 18.65 11.91
N GLY A 175 17.17 18.49 11.81
CA GLY A 175 16.54 17.26 12.25
C GLY A 175 16.95 16.09 11.37
N ILE A 176 17.33 14.99 12.02
CA ILE A 176 17.75 13.79 11.30
C ILE A 176 16.53 12.97 10.96
N GLU A 177 16.07 13.10 9.72
CA GLU A 177 14.89 12.39 9.24
C GLU A 177 14.99 10.87 9.34
N LYS A 178 14.09 10.29 10.13
CA LYS A 178 14.02 8.85 10.32
C LYS A 178 12.69 8.39 9.74
N ALA A 179 12.56 7.09 9.47
CA ALA A 179 11.33 6.56 8.87
C ALA A 179 10.04 7.04 9.56
N GLY A 180 9.22 7.77 8.80
CA GLY A 180 7.95 8.27 9.31
C GLY A 180 8.03 9.57 10.08
N SER A 181 9.21 10.17 10.19
CA SER A 181 9.37 11.42 10.90
C SER A 181 8.61 12.55 10.18
N SER A 182 8.01 13.43 10.97
CA SER A 182 7.23 14.56 10.44
C SER A 182 8.00 15.87 10.49
N SER A 183 7.55 16.83 9.68
CA SER A 183 8.17 18.15 9.62
C SER A 183 7.36 19.00 8.65
N VAL A 184 7.20 20.30 8.94
CA VAL A 184 6.42 21.16 8.05
C VAL A 184 6.98 21.02 6.63
N ILE A 185 8.29 20.78 6.57
CA ILE A 185 9.00 20.55 5.31
C ILE A 185 10.24 19.77 5.73
N ASP A 186 10.44 18.58 5.15
CA ASP A 186 11.61 17.80 5.55
C ASP A 186 12.90 18.52 5.15
N PRO A 187 13.97 18.36 5.95
CA PRO A 187 15.27 18.99 5.70
C PRO A 187 15.77 18.90 4.26
N LEU A 188 15.89 17.68 3.75
CA LEU A 188 16.35 17.47 2.39
C LEU A 188 15.54 18.34 1.43
N ALA A 189 14.22 18.30 1.54
CA ALA A 189 13.35 19.11 0.67
C ALA A 189 13.71 20.58 0.82
N ALA A 190 14.02 20.98 2.04
CA ALA A 190 14.40 22.37 2.33
C ALA A 190 15.67 22.74 1.61
N LYS A 191 16.63 21.81 1.57
CA LYS A 191 17.89 22.08 0.90
C LYS A 191 17.72 22.11 -0.62
N ILE A 192 16.79 21.32 -1.14
CA ILE A 192 16.56 21.31 -2.58
C ILE A 192 15.97 22.66 -2.98
N ILE A 193 14.95 23.08 -2.24
CA ILE A 193 14.29 24.36 -2.47
C ILE A 193 15.33 25.49 -2.43
N ALA A 194 16.24 25.39 -1.47
CA ALA A 194 17.27 26.41 -1.30
C ALA A 194 18.31 26.42 -2.41
N ARG A 195 18.75 25.24 -2.83
CA ARG A 195 19.77 25.14 -3.85
C ARG A 195 19.33 25.63 -5.22
N SER A 196 18.04 25.51 -5.53
CA SER A 196 17.54 25.97 -6.81
C SER A 196 16.71 27.24 -6.72
N GLY A 197 16.36 27.63 -5.50
CA GLY A 197 15.53 28.82 -5.34
C GLY A 197 14.11 28.62 -5.85
N ILE A 198 13.51 27.47 -5.53
CA ILE A 198 12.15 27.13 -5.94
C ILE A 198 11.08 27.94 -5.20
N LYS A 199 10.27 28.70 -5.92
CA LYS A 199 9.22 29.47 -5.24
C LYS A 199 8.25 28.46 -4.62
N THR A 200 8.15 28.49 -3.29
CA THR A 200 7.32 27.56 -2.55
C THR A 200 6.25 28.23 -1.70
N ILE A 201 5.07 27.61 -1.66
CA ILE A 201 3.95 28.10 -0.88
C ILE A 201 3.46 26.99 0.04
N VAL A 202 3.38 27.31 1.34
CA VAL A 202 2.90 26.36 2.33
C VAL A 202 1.52 26.83 2.83
N ILE A 203 0.52 25.98 2.65
CA ILE A 203 -0.85 26.28 3.07
C ILE A 203 -1.50 25.06 3.73
N GLY A 204 -2.63 25.31 4.41
CA GLY A 204 -3.36 24.24 5.06
C GLY A 204 -4.57 23.81 4.26
N LYS A 205 -5.39 22.95 4.86
CA LYS A 205 -6.59 22.42 4.22
C LYS A 205 -7.62 23.45 3.75
N GLU A 206 -7.86 24.49 4.54
CA GLU A 206 -8.82 25.50 4.14
C GLU A 206 -8.44 26.15 2.83
N ASP A 207 -7.23 26.69 2.78
CA ASP A 207 -6.76 27.35 1.56
C ASP A 207 -6.79 26.41 0.36
N ALA A 208 -6.51 25.13 0.61
CA ALA A 208 -6.52 24.14 -0.46
C ALA A 208 -7.85 24.14 -1.21
N LYS A 209 -8.93 24.46 -0.51
CA LYS A 209 -10.25 24.48 -1.14
C LYS A 209 -10.33 25.40 -2.36
N ASP A 210 -9.41 26.35 -2.46
CA ASP A 210 -9.38 27.27 -3.60
C ASP A 210 -7.97 27.48 -4.13
N LEU A 211 -7.44 26.46 -4.82
CA LEU A 211 -6.09 26.51 -5.37
C LEU A 211 -5.90 27.60 -6.43
N PHE A 212 -6.99 27.96 -7.09
CA PHE A 212 -6.95 28.99 -8.12
C PHE A 212 -6.55 30.34 -7.53
N ARG A 213 -6.94 30.58 -6.29
CA ARG A 213 -6.59 31.84 -5.63
C ARG A 213 -5.22 31.70 -4.99
N VAL A 214 -4.92 30.51 -4.48
CA VAL A 214 -3.65 30.26 -3.85
C VAL A 214 -2.48 30.49 -4.81
N ILE A 215 -2.59 29.96 -6.02
CA ILE A 215 -1.49 30.11 -6.96
C ILE A 215 -1.25 31.56 -7.39
N LYS A 216 -2.18 32.45 -7.04
CA LYS A 216 -2.04 33.87 -7.39
C LYS A 216 -1.46 34.65 -6.21
N GLY A 217 -1.19 33.95 -5.12
CA GLY A 217 -0.64 34.61 -3.94
C GLY A 217 -1.72 34.95 -2.93
N ASP A 218 -2.97 34.60 -3.23
CA ASP A 218 -4.08 34.87 -2.33
C ASP A 218 -4.30 33.68 -1.39
N HIS A 219 -3.68 33.73 -0.22
CA HIS A 219 -3.81 32.66 0.76
C HIS A 219 -3.27 33.15 2.09
N ASN A 220 -3.46 32.35 3.13
CA ASN A 220 -3.01 32.71 4.47
C ASN A 220 -1.79 31.91 4.88
N GLY A 221 -1.13 31.29 3.91
CA GLY A 221 0.03 30.48 4.23
C GLY A 221 1.36 31.21 4.14
N THR A 222 2.43 30.45 3.94
CA THR A 222 3.75 31.02 3.84
C THR A 222 4.28 30.93 2.41
N THR A 223 5.02 31.95 2.01
CA THR A 223 5.61 31.99 0.68
C THR A 223 7.11 31.99 0.89
N ILE A 224 7.79 31.05 0.26
CA ILE A 224 9.25 30.98 0.39
C ILE A 224 9.88 31.14 -0.99
N GLU A 225 10.76 32.13 -1.11
CA GLU A 225 11.42 32.39 -2.38
C GLU A 225 12.71 33.17 -2.17
N PRO A 226 13.69 33.00 -3.07
CA PRO A 226 14.98 33.70 -2.97
C PRO A 226 14.79 35.20 -2.87
N ALA B 1 11.18 -32.03 3.39
CA ALA B 1 11.12 -33.09 2.34
C ALA B 1 10.17 -32.67 1.20
N MSE B 2 9.41 -31.60 1.43
CA MSE B 2 8.47 -31.14 0.40
C MSE B 2 8.44 -29.64 0.20
O MSE B 2 9.09 -28.88 0.91
CB MSE B 2 7.07 -31.65 0.75
CG MSE B 2 6.63 -31.36 2.17
SE MSE B 2 5.04 -32.37 2.66
CE MSE B 2 3.74 -30.94 2.68
N ARG B 3 7.66 -29.22 -0.80
CA ARG B 3 7.52 -27.83 -1.13
C ARG B 3 6.10 -27.39 -0.75
N ILE B 4 5.99 -26.31 0.01
CA ILE B 4 4.69 -25.83 0.46
C ILE B 4 4.44 -24.35 0.18
N VAL B 5 3.24 -24.03 -0.28
CA VAL B 5 2.85 -22.66 -0.55
C VAL B 5 1.77 -22.30 0.46
N PHE B 6 1.95 -21.17 1.12
CA PHE B 6 1.00 -20.69 2.12
C PHE B 6 0.25 -19.46 1.59
N ASP B 7 -1.08 -19.52 1.65
CA ASP B 7 -1.92 -18.41 1.21
C ASP B 7 -2.57 -17.86 2.47
N ILE B 8 -1.97 -16.81 3.02
CA ILE B 8 -2.46 -16.21 4.24
C ILE B 8 -3.33 -14.99 3.97
N GLY B 9 -4.59 -15.07 4.40
CA GLY B 9 -5.52 -13.97 4.20
C GLY B 9 -5.15 -12.66 4.88
N GLY B 10 -5.36 -11.55 4.16
CA GLY B 10 -5.05 -10.24 4.71
C GLY B 10 -5.83 -9.91 5.96
N SER B 11 -7.07 -10.36 6.03
N SER B 11 -7.07 -10.38 6.02
CA SER B 11 -7.90 -10.10 7.20
CA SER B 11 -7.94 -10.15 7.17
C SER B 11 -7.48 -10.93 8.42
C SER B 11 -7.49 -10.93 8.40
N VAL B 12 -6.66 -11.94 8.18
CA VAL B 12 -6.17 -12.77 9.28
C VAL B 12 -4.94 -12.09 9.85
N LEU B 13 -4.10 -11.55 8.97
CA LEU B 13 -2.89 -10.85 9.38
C LEU B 13 -3.21 -9.43 9.82
N VAL B 14 -4.25 -8.85 9.21
CA VAL B 14 -4.66 -7.49 9.53
C VAL B 14 -6.19 -7.43 9.66
N PRO B 15 -6.73 -7.88 10.80
CA PRO B 15 -8.17 -7.89 11.07
C PRO B 15 -8.85 -6.54 10.81
N GLU B 16 -8.27 -5.49 11.39
CA GLU B 16 -8.74 -4.11 11.24
C GLU B 16 -7.47 -3.29 11.30
N ASN B 17 -6.49 -3.89 11.96
CA ASN B 17 -5.17 -3.33 12.14
C ASN B 17 -4.29 -4.57 12.20
N PRO B 18 -2.97 -4.41 12.28
CA PRO B 18 -2.12 -5.59 12.35
C PRO B 18 -2.21 -6.33 13.69
N ASP B 19 -2.28 -7.65 13.64
CA ASP B 19 -2.33 -8.47 14.84
C ASP B 19 -0.90 -8.87 15.15
N ILE B 20 -0.15 -7.92 15.69
CA ILE B 20 1.26 -8.12 16.04
C ILE B 20 1.65 -9.53 16.46
N ASP B 21 1.00 -10.02 17.51
CA ASP B 21 1.31 -11.35 18.02
C ASP B 21 1.06 -12.49 17.03
N PHE B 22 0.02 -12.37 16.22
CA PHE B 22 -0.25 -13.43 15.25
C PHE B 22 0.83 -13.43 14.18
N ILE B 23 1.23 -12.23 13.77
CA ILE B 23 2.27 -12.06 12.76
C ILE B 23 3.60 -12.59 13.28
N LYS B 24 3.92 -12.22 14.51
CA LYS B 24 5.18 -12.65 15.11
C LYS B 24 5.16 -14.17 15.24
N GLU B 25 3.99 -14.69 15.62
N GLU B 25 3.99 -14.69 15.62
CA GLU B 25 3.77 -16.12 15.80
CA GLU B 25 3.76 -16.12 15.80
C GLU B 25 3.82 -16.87 14.48
C GLU B 25 3.83 -16.87 14.47
N ILE B 26 3.03 -16.41 13.51
CA ILE B 26 2.98 -17.01 12.19
C ILE B 26 4.33 -16.94 11.46
N ALA B 27 5.06 -15.85 11.67
CA ALA B 27 6.36 -15.69 11.03
C ALA B 27 7.35 -16.69 11.62
N TYR B 28 7.26 -16.91 12.93
CA TYR B 28 8.14 -17.83 13.61
C TYR B 28 7.94 -19.26 13.11
N GLN B 29 6.69 -19.67 12.99
CA GLN B 29 6.38 -21.01 12.52
C GLN B 29 6.78 -21.26 11.07
N LEU B 30 6.55 -20.29 10.19
CA LEU B 30 6.95 -20.44 8.80
C LEU B 30 8.46 -20.62 8.75
N THR B 31 9.17 -19.88 9.59
CA THR B 31 10.64 -19.96 9.64
C THR B 31 11.06 -21.38 10.04
N LYS B 32 10.35 -21.93 11.04
CA LYS B 32 10.64 -23.28 11.51
C LYS B 32 10.30 -24.30 10.44
N VAL B 33 9.15 -24.13 9.80
CA VAL B 33 8.73 -25.05 8.75
C VAL B 33 9.73 -25.02 7.59
N SER B 34 10.34 -23.86 7.35
CA SER B 34 11.28 -23.75 6.26
C SER B 34 12.61 -24.37 6.59
N GLU B 35 12.78 -24.77 7.85
CA GLU B 35 14.03 -25.40 8.26
C GLU B 35 14.17 -26.73 7.54
N ASP B 36 13.03 -27.40 7.31
CA ASP B 36 13.07 -28.69 6.63
C ASP B 36 12.20 -28.80 5.38
N HIS B 37 11.59 -27.69 4.97
CA HIS B 37 10.77 -27.69 3.76
C HIS B 37 11.03 -26.42 2.98
N GLU B 38 10.65 -26.42 1.72
CA GLU B 38 10.80 -25.23 0.89
C GLU B 38 9.49 -24.49 1.10
N VAL B 39 9.58 -23.24 1.54
CA VAL B 39 8.40 -22.44 1.83
C VAL B 39 8.30 -21.16 1.00
N ALA B 40 7.10 -20.92 0.49
CA ALA B 40 6.81 -19.73 -0.31
C ALA B 40 5.48 -19.21 0.22
N VAL B 41 5.31 -17.89 0.29
CA VAL B 41 4.10 -17.31 0.82
C VAL B 41 3.44 -16.22 0.00
N VAL B 42 2.12 -16.11 0.13
CA VAL B 42 1.33 -15.09 -0.55
C VAL B 42 0.39 -14.51 0.51
N VAL B 43 0.34 -13.19 0.61
CA VAL B 43 -0.52 -12.52 1.59
C VAL B 43 -1.66 -11.74 0.93
N GLY B 44 -2.79 -11.65 1.62
CA GLY B 44 -3.95 -10.95 1.09
C GLY B 44 -4.08 -9.50 1.53
N GLY B 45 -5.17 -8.86 1.11
CA GLY B 45 -5.39 -7.46 1.43
C GLY B 45 -6.27 -7.17 2.62
N GLY B 46 -7.32 -7.97 2.79
CA GLY B 46 -8.21 -7.80 3.93
C GLY B 46 -9.02 -6.52 4.00
N LYS B 47 -9.43 -6.19 5.22
CA LYS B 47 -10.25 -5.01 5.52
C LYS B 47 -9.72 -3.74 4.85
N LEU B 48 -8.43 -3.48 5.05
CA LEU B 48 -7.79 -2.29 4.50
C LEU B 48 -7.93 -2.16 2.98
N ALA B 49 -7.78 -3.28 2.27
CA ALA B 49 -7.89 -3.27 0.83
C ALA B 49 -9.31 -2.90 0.42
N ARG B 50 -10.29 -3.43 1.14
CA ARG B 50 -11.68 -3.11 0.82
C ARG B 50 -11.98 -1.65 1.09
N LYS B 51 -11.35 -1.08 2.11
CA LYS B 51 -11.57 0.33 2.40
C LYS B 51 -11.08 1.20 1.25
N TYR B 52 -9.91 0.87 0.70
CA TYR B 52 -9.38 1.68 -0.40
C TYR B 52 -10.16 1.47 -1.68
N ILE B 53 -10.63 0.24 -1.87
CA ILE B 53 -11.43 -0.09 -3.05
C ILE B 53 -12.79 0.61 -2.96
N GLU B 54 -13.32 0.74 -1.75
CA GLU B 54 -14.60 1.40 -1.56
C GLU B 54 -14.46 2.89 -1.92
N VAL B 55 -13.32 3.47 -1.54
CA VAL B 55 -13.07 4.86 -1.84
C VAL B 55 -13.04 5.09 -3.35
N ALA B 56 -12.27 4.26 -4.06
CA ALA B 56 -12.19 4.38 -5.51
C ALA B 56 -13.56 4.25 -6.15
N GLU B 57 -14.39 3.36 -5.60
CA GLU B 57 -15.73 3.17 -6.13
C GLU B 57 -16.52 4.45 -6.07
N LYS B 58 -16.36 5.19 -4.98
CA LYS B 58 -17.07 6.46 -4.84
C LYS B 58 -16.71 7.41 -5.97
N PHE B 59 -15.56 7.18 -6.60
CA PHE B 59 -15.12 8.00 -7.71
C PHE B 59 -15.39 7.28 -9.03
N ASN B 60 -16.09 6.16 -8.92
CA ASN B 60 -16.45 5.36 -10.09
C ASN B 60 -15.29 4.82 -10.92
N SER B 61 -14.23 4.36 -10.24
CA SER B 61 -13.10 3.79 -10.96
C SER B 61 -13.58 2.47 -11.56
N SER B 62 -12.87 2.01 -12.58
CA SER B 62 -13.22 0.75 -13.22
C SER B 62 -12.84 -0.35 -12.23
N GLU B 63 -13.42 -1.53 -12.42
CA GLU B 63 -13.14 -2.67 -11.56
C GLU B 63 -11.67 -3.09 -11.69
N THR B 64 -11.07 -2.78 -12.82
CA THR B 64 -9.66 -3.12 -13.06
C THR B 64 -8.75 -2.27 -12.19
N PHE B 65 -9.02 -0.96 -12.16
CA PHE B 65 -8.21 -0.04 -11.37
C PHE B 65 -8.34 -0.35 -9.87
N LYS B 66 -9.54 -0.73 -9.45
CA LYS B 66 -9.73 -1.06 -8.04
C LYS B 66 -8.87 -2.30 -7.72
N ASP B 67 -8.81 -3.25 -8.65
CA ASP B 67 -8.00 -4.45 -8.49
C ASP B 67 -6.55 -4.06 -8.22
N PHE B 68 -6.06 -3.07 -8.97
CA PHE B 68 -4.70 -2.56 -8.81
C PHE B 68 -4.47 -1.94 -7.42
N ILE B 69 -5.46 -1.21 -6.91
CA ILE B 69 -5.35 -0.61 -5.58
C ILE B 69 -5.31 -1.78 -4.59
N GLY B 70 -6.16 -2.77 -4.85
CA GLY B 70 -6.19 -3.93 -3.98
C GLY B 70 -4.82 -4.59 -3.96
N ILE B 71 -4.23 -4.69 -5.14
CA ILE B 71 -2.89 -5.30 -5.27
C ILE B 71 -1.86 -4.52 -4.48
N GLN B 72 -1.95 -3.20 -4.54
CA GLN B 72 -1.02 -2.33 -3.85
C GLN B 72 -1.05 -2.58 -2.33
N ILE B 73 -2.24 -2.79 -1.80
CA ILE B 73 -2.39 -3.04 -0.37
C ILE B 73 -1.83 -4.42 0.02
N THR B 74 -2.09 -5.44 -0.81
CA THR B 74 -1.60 -6.78 -0.53
C THR B 74 -0.09 -6.75 -0.41
N ARG B 75 0.57 -5.94 -1.24
CA ARG B 75 2.02 -5.85 -1.19
C ARG B 75 2.48 -5.16 0.09
N ALA B 76 1.67 -4.22 0.56
CA ALA B 76 1.99 -3.52 1.80
C ALA B 76 1.94 -4.56 2.92
N ASN B 77 0.86 -5.36 2.94
CA ASN B 77 0.71 -6.39 3.97
C ASN B 77 1.85 -7.38 3.90
N ALA B 78 2.22 -7.76 2.68
CA ALA B 78 3.29 -8.73 2.47
C ALA B 78 4.59 -8.25 3.10
N MSE B 79 4.82 -6.94 3.05
CA MSE B 79 6.04 -6.37 3.63
C MSE B 79 6.06 -6.48 5.15
O MSE B 79 7.13 -6.43 5.76
CB MSE B 79 6.17 -4.92 3.19
CG MSE B 79 6.37 -4.78 1.69
SE MSE B 79 6.50 -2.96 1.10
CE MSE B 79 8.36 -2.61 1.53
N LEU B 80 4.90 -6.60 5.77
CA LEU B 80 4.84 -6.73 7.20
C LEU B 80 5.31 -8.12 7.60
N LEU B 81 5.00 -9.11 6.75
CA LEU B 81 5.41 -10.49 7.01
C LEU B 81 6.92 -10.56 6.79
N ILE B 82 7.37 -10.00 5.67
CA ILE B 82 8.79 -9.99 5.34
C ILE B 82 9.56 -9.38 6.50
N ALA B 83 8.97 -8.36 7.10
CA ALA B 83 9.59 -7.71 8.23
C ALA B 83 9.71 -8.70 9.38
N ALA B 84 8.61 -9.36 9.72
CA ALA B 84 8.59 -10.33 10.81
C ALA B 84 9.45 -11.58 10.53
N LEU B 85 9.70 -11.87 9.26
CA LEU B 85 10.50 -13.03 8.91
C LEU B 85 11.99 -12.75 9.05
N ARG B 86 12.33 -11.48 9.26
CA ARG B 86 13.73 -11.07 9.41
C ARG B 86 14.62 -11.60 8.29
N GLU B 87 15.83 -12.02 8.63
CA GLU B 87 16.78 -12.51 7.62
C GLU B 87 16.47 -13.82 6.90
N LYS B 88 15.37 -14.48 7.25
CA LYS B 88 15.06 -15.72 6.56
C LYS B 88 14.19 -15.44 5.34
N ALA B 89 13.79 -14.19 5.19
CA ALA B 89 12.94 -13.82 4.06
C ALA B 89 13.69 -13.16 2.92
N TYR B 90 13.05 -13.18 1.76
CA TYR B 90 13.59 -12.53 0.57
C TYR B 90 13.19 -11.08 0.92
N PRO B 91 14.15 -10.14 0.90
CA PRO B 91 13.99 -8.71 1.21
C PRO B 91 12.82 -7.95 0.60
N VAL B 92 12.63 -8.10 -0.71
CA VAL B 92 11.58 -7.38 -1.41
C VAL B 92 10.37 -8.27 -1.70
N VAL B 93 9.23 -7.64 -1.93
CA VAL B 93 7.99 -8.36 -2.25
C VAL B 93 8.12 -8.93 -3.66
N VAL B 94 7.91 -10.23 -3.80
CA VAL B 94 7.99 -10.88 -5.10
C VAL B 94 6.74 -10.58 -5.91
N GLU B 95 6.92 -10.25 -7.19
CA GLU B 95 5.80 -9.91 -8.07
C GLU B 95 5.50 -10.88 -9.18
N ASP B 96 6.38 -11.84 -9.40
CA ASP B 96 6.14 -12.84 -10.43
C ASP B 96 6.74 -14.18 -9.98
N PHE B 97 6.23 -15.25 -10.57
CA PHE B 97 6.63 -16.59 -10.19
C PHE B 97 8.10 -16.97 -10.34
N TRP B 98 8.74 -16.51 -11.40
N TRP B 98 8.76 -16.55 -11.42
CA TRP B 98 10.14 -16.84 -11.66
CA TRP B 98 10.16 -16.95 -11.58
C TRP B 98 11.01 -16.36 -10.51
C TRP B 98 11.03 -16.37 -10.47
N GLU B 99 10.67 -15.19 -9.97
CA GLU B 99 11.41 -14.58 -8.88
C GLU B 99 11.17 -15.37 -7.59
N ALA B 100 9.95 -15.86 -7.41
CA ALA B 100 9.64 -16.65 -6.23
C ALA B 100 10.55 -17.87 -6.26
N TRP B 101 10.75 -18.38 -7.46
CA TRP B 101 11.60 -19.55 -7.71
C TRP B 101 13.04 -19.28 -7.27
N LYS B 102 13.59 -18.13 -7.64
CA LYS B 102 14.96 -17.77 -7.29
C LYS B 102 15.14 -17.71 -5.78
N ALA B 103 14.18 -17.06 -5.12
CA ALA B 103 14.22 -16.94 -3.68
C ALA B 103 14.35 -18.32 -3.06
N VAL B 104 13.52 -19.25 -3.52
CA VAL B 104 13.55 -20.62 -3.03
C VAL B 104 14.91 -21.26 -3.25
N GLN B 105 15.53 -20.96 -4.40
CA GLN B 105 16.85 -21.51 -4.71
C GLN B 105 17.89 -20.96 -3.74
N LEU B 106 17.71 -19.70 -3.33
CA LEU B 106 18.62 -19.06 -2.38
C LEU B 106 18.26 -19.52 -0.97
N LYS B 107 17.25 -20.38 -0.89
CA LYS B 107 16.77 -20.90 0.39
C LYS B 107 16.33 -19.78 1.31
N LYS B 108 15.52 -18.88 0.74
CA LYS B 108 14.95 -17.75 1.45
C LYS B 108 13.45 -17.81 1.17
N ILE B 109 12.64 -17.38 2.13
CA ILE B 109 11.20 -17.42 1.94
C ILE B 109 10.67 -16.27 1.08
N PRO B 110 10.13 -16.60 -0.11
CA PRO B 110 9.60 -15.51 -0.93
C PRO B 110 8.19 -15.17 -0.48
N VAL B 111 7.93 -13.90 -0.25
CA VAL B 111 6.61 -13.44 0.16
C VAL B 111 6.07 -12.56 -0.94
N MSE B 112 4.96 -12.96 -1.53
CA MSE B 112 4.39 -12.13 -2.57
C MSE B 112 2.97 -11.73 -2.24
O MSE B 112 2.37 -12.24 -1.27
CB MSE B 112 4.51 -12.81 -3.95
CG MSE B 112 3.79 -14.10 -4.19
SE MSE B 112 4.33 -14.97 -5.89
CE MSE B 112 3.67 -13.66 -7.16
N GLY B 113 2.45 -10.78 -3.01
CA GLY B 113 1.10 -10.31 -2.83
C GLY B 113 0.35 -10.60 -4.11
N GLY B 114 -0.40 -9.62 -4.62
CA GLY B 114 -1.14 -9.85 -5.84
C GLY B 114 -0.29 -9.73 -7.09
N THR B 115 -0.88 -10.08 -8.23
CA THR B 115 -0.17 -9.99 -9.49
C THR B 115 -0.90 -9.15 -10.53
N HIS B 116 -1.99 -9.69 -11.06
N HIS B 116 -1.99 -9.70 -11.07
CA HIS B 116 -2.77 -8.97 -12.06
CA HIS B 116 -2.77 -9.03 -12.10
C HIS B 116 -4.25 -8.97 -11.69
C HIS B 116 -4.26 -9.01 -11.73
N PRO B 117 -5.02 -8.01 -12.24
CA PRO B 117 -6.45 -7.89 -11.96
C PRO B 117 -7.24 -9.12 -12.38
N GLY B 118 -8.52 -9.15 -12.00
CA GLY B 118 -9.36 -10.26 -12.39
C GLY B 118 -9.50 -11.39 -11.39
N HIS B 119 -8.70 -11.34 -10.32
CA HIS B 119 -8.78 -12.39 -9.31
C HIS B 119 -8.32 -11.93 -7.93
N THR B 120 -8.03 -12.90 -7.08
CA THR B 120 -7.61 -12.65 -5.72
C THR B 120 -6.24 -13.25 -5.45
N THR B 121 -5.69 -13.04 -4.25
CA THR B 121 -4.40 -13.60 -3.92
C THR B 121 -4.46 -15.14 -3.83
N ASP B 122 -5.67 -15.68 -3.68
CA ASP B 122 -5.85 -17.14 -3.64
C ASP B 122 -5.36 -17.68 -4.97
N ALA B 123 -5.82 -17.08 -6.06
CA ALA B 123 -5.42 -17.50 -7.40
C ALA B 123 -3.91 -17.41 -7.56
N VAL B 124 -3.29 -16.38 -6.95
CA VAL B 124 -1.85 -16.23 -7.02
C VAL B 124 -1.20 -17.41 -6.30
N ALA B 125 -1.74 -17.76 -5.14
CA ALA B 125 -1.18 -18.88 -4.38
C ALA B 125 -1.28 -20.19 -5.16
N ALA B 126 -2.46 -20.46 -5.72
CA ALA B 126 -2.66 -21.69 -6.49
C ALA B 126 -1.68 -21.77 -7.66
N LEU B 127 -1.63 -20.71 -8.47
CA LEU B 127 -0.73 -20.70 -9.61
C LEU B 127 0.73 -20.82 -9.16
N LEU B 128 1.03 -20.28 -7.99
CA LEU B 128 2.39 -20.38 -7.46
C LEU B 128 2.65 -21.84 -7.12
N ALA B 129 1.74 -22.44 -6.37
CA ALA B 129 1.88 -23.85 -5.99
C ALA B 129 2.12 -24.67 -7.25
N GLU B 130 1.33 -24.37 -8.26
CA GLU B 130 1.39 -25.08 -9.54
C GLU B 130 2.73 -24.86 -10.24
N PHE B 131 3.18 -23.61 -10.28
CA PHE B 131 4.44 -23.27 -10.92
C PHE B 131 5.63 -23.99 -10.28
N LEU B 132 5.68 -23.95 -8.95
CA LEU B 132 6.77 -24.56 -8.20
C LEU B 132 6.55 -26.07 -8.07
N LYS B 133 5.40 -26.55 -8.54
CA LYS B 133 5.05 -27.96 -8.43
C LYS B 133 5.10 -28.31 -6.94
N ALA B 134 4.48 -27.46 -6.13
CA ALA B 134 4.43 -27.63 -4.69
C ALA B 134 3.69 -28.92 -4.33
N ASP B 135 3.95 -29.45 -3.14
CA ASP B 135 3.29 -30.66 -2.71
C ASP B 135 2.07 -30.34 -1.86
N LEU B 136 2.05 -29.13 -1.30
CA LEU B 136 0.95 -28.71 -0.46
C LEU B 136 0.66 -27.21 -0.60
N LEU B 137 -0.62 -26.88 -0.59
CA LEU B 137 -1.07 -25.49 -0.66
C LEU B 137 -1.89 -25.30 0.62
N VAL B 138 -1.43 -24.40 1.49
CA VAL B 138 -2.12 -24.14 2.74
C VAL B 138 -2.80 -22.77 2.72
N VAL B 139 -4.13 -22.79 2.71
CA VAL B 139 -4.94 -21.58 2.68
C VAL B 139 -5.43 -21.24 4.09
N ILE B 140 -4.91 -20.14 4.64
CA ILE B 140 -5.29 -19.71 5.98
C ILE B 140 -6.28 -18.56 5.85
N THR B 141 -7.53 -18.84 6.17
CA THR B 141 -8.60 -17.85 6.08
C THR B 141 -9.13 -17.51 7.47
N ASN B 142 -10.20 -16.73 7.52
CA ASN B 142 -10.77 -16.36 8.81
C ASN B 142 -12.02 -17.18 9.14
N VAL B 143 -12.01 -18.42 8.66
CA VAL B 143 -13.08 -19.39 8.88
C VAL B 143 -12.32 -20.70 9.08
N ASP B 144 -12.82 -21.56 9.97
CA ASP B 144 -12.13 -22.82 10.27
C ASP B 144 -12.16 -23.89 9.18
N GLY B 145 -12.82 -23.59 8.06
CA GLY B 145 -12.87 -24.56 6.98
C GLY B 145 -13.87 -24.20 5.91
N VAL B 146 -14.07 -25.11 4.96
CA VAL B 146 -15.01 -24.91 3.87
C VAL B 146 -16.33 -25.54 4.28
N TYR B 147 -17.39 -24.74 4.33
CA TYR B 147 -18.70 -25.23 4.73
C TYR B 147 -19.66 -25.42 3.57
N THR B 148 -20.83 -25.97 3.87
CA THR B 148 -21.85 -26.22 2.86
C THR B 148 -22.31 -24.86 2.33
N ALA B 149 -22.19 -23.84 3.17
CA ALA B 149 -22.56 -22.48 2.84
C ALA B 149 -21.78 -21.53 3.74
N ASP B 150 -22.06 -20.24 3.65
CA ASP B 150 -21.36 -19.24 4.46
C ASP B 150 -21.71 -19.40 5.94
N PRO B 151 -20.76 -19.90 6.75
CA PRO B 151 -20.92 -20.12 8.19
C PRO B 151 -21.37 -18.89 8.97
N LYS B 152 -21.14 -17.72 8.41
CA LYS B 152 -21.52 -16.49 9.08
C LYS B 152 -22.93 -16.05 8.68
N LYS B 153 -23.47 -16.69 7.65
CA LYS B 153 -24.81 -16.37 7.17
C LYS B 153 -25.82 -17.51 7.40
N ASP B 154 -25.50 -18.69 6.89
CA ASP B 154 -26.38 -19.84 7.02
C ASP B 154 -26.17 -20.62 8.33
N PRO B 155 -27.26 -21.08 8.95
CA PRO B 155 -27.22 -21.83 10.22
C PRO B 155 -27.11 -23.34 10.03
N THR B 156 -27.31 -23.82 8.81
CA THR B 156 -27.24 -25.25 8.51
C THR B 156 -25.96 -25.60 7.76
N ALA B 157 -24.97 -24.70 7.81
CA ALA B 157 -23.69 -24.90 7.13
C ALA B 157 -22.92 -26.11 7.66
N LYS B 158 -22.56 -27.01 6.75
CA LYS B 158 -21.81 -28.21 7.12
C LYS B 158 -20.33 -28.09 6.78
N LYS B 159 -19.50 -28.14 7.81
CA LYS B 159 -18.05 -28.05 7.63
C LYS B 159 -17.42 -29.31 7.05
N ILE B 160 -17.44 -29.41 5.71
CA ILE B 160 -16.88 -30.55 5.00
C ILE B 160 -15.46 -30.83 5.49
N LYS B 161 -15.12 -32.09 5.67
CA LYS B 161 -13.78 -32.46 6.13
C LYS B 161 -12.86 -32.68 4.94
N LYS B 162 -13.32 -33.48 3.99
CA LYS B 162 -12.55 -33.77 2.78
C LYS B 162 -13.43 -33.62 1.55
N MSE B 163 -12.81 -33.43 0.38
CA MSE B 163 -13.57 -33.29 -0.85
C MSE B 163 -12.64 -33.28 -2.06
O MSE B 163 -11.42 -33.19 -1.93
CB MSE B 163 -14.42 -32.02 -0.82
CG MSE B 163 -13.69 -30.72 -1.14
SE MSE B 163 -14.81 -29.16 -0.81
CE MSE B 163 -16.40 -29.65 -1.75
N LYS B 164 -13.24 -33.39 -3.24
CA LYS B 164 -12.49 -33.39 -4.50
C LYS B 164 -12.50 -31.98 -5.07
N PRO B 165 -11.54 -31.69 -5.97
CA PRO B 165 -11.49 -30.35 -6.56
C PRO B 165 -12.81 -30.02 -7.26
N GLU B 166 -13.36 -31.02 -7.96
CA GLU B 166 -14.63 -30.82 -8.65
C GLU B 166 -15.73 -30.46 -7.66
N GLU B 167 -15.57 -30.93 -6.42
CA GLU B 167 -16.56 -30.63 -5.39
C GLU B 167 -16.40 -29.21 -4.87
N LEU B 168 -15.16 -28.74 -4.84
CA LEU B 168 -14.87 -27.38 -4.38
C LEU B 168 -15.43 -26.37 -5.38
N LEU B 169 -15.35 -26.71 -6.66
CA LEU B 169 -15.88 -25.84 -7.70
C LEU B 169 -17.38 -25.71 -7.60
N GLU B 170 -18.05 -26.80 -7.23
CA GLU B 170 -19.49 -26.76 -7.09
C GLU B 170 -19.85 -25.69 -6.06
N ILE B 171 -19.10 -25.66 -4.98
CA ILE B 171 -19.32 -24.68 -3.89
C ILE B 171 -19.15 -23.26 -4.43
N VAL B 172 -17.99 -23.00 -5.01
CA VAL B 172 -17.69 -21.70 -5.59
C VAL B 172 -17.79 -21.86 -7.10
N GLY B 173 -16.69 -21.60 -7.81
CA GLY B 173 -16.65 -21.76 -9.25
C GLY B 173 -17.55 -20.91 -10.13
N LYS B 174 -18.80 -20.70 -9.70
CA LYS B 174 -19.73 -19.89 -10.49
C LYS B 174 -19.85 -18.47 -10.00
N GLY B 175 -18.95 -18.07 -9.12
CA GLY B 175 -19.00 -16.73 -8.56
C GLY B 175 -18.40 -15.64 -9.44
N ILE B 176 -19.14 -14.54 -9.56
CA ILE B 176 -18.68 -13.38 -10.33
C ILE B 176 -17.95 -12.51 -9.32
N GLU B 177 -16.63 -12.58 -9.32
CA GLU B 177 -15.84 -11.84 -8.35
C GLU B 177 -15.47 -10.40 -8.71
N LYS B 178 -16.02 -9.46 -7.94
CA LYS B 178 -15.75 -8.05 -8.16
C LYS B 178 -14.52 -7.64 -7.36
N ALA B 179 -14.01 -6.43 -7.59
CA ALA B 179 -12.84 -5.96 -6.89
C ALA B 179 -13.32 -5.76 -5.45
N GLY B 180 -12.67 -6.45 -4.52
CA GLY B 180 -13.06 -6.35 -3.12
C GLY B 180 -13.84 -7.56 -2.64
N SER B 181 -14.34 -8.36 -3.58
CA SER B 181 -15.12 -9.54 -3.26
C SER B 181 -14.28 -10.51 -2.45
N SER B 182 -14.93 -11.26 -1.57
CA SER B 182 -14.22 -12.22 -0.73
C SER B 182 -14.90 -13.60 -0.70
N SER B 183 -14.08 -14.64 -0.51
CA SER B 183 -14.57 -16.02 -0.46
C SER B 183 -13.50 -16.93 0.14
N VAL B 184 -13.87 -18.15 0.49
CA VAL B 184 -12.92 -19.10 1.07
C VAL B 184 -11.77 -19.33 0.10
N ILE B 185 -12.12 -19.40 -1.18
CA ILE B 185 -11.17 -19.60 -2.27
C ILE B 185 -11.86 -19.02 -3.49
N ASP B 186 -11.21 -18.10 -4.20
CA ASP B 186 -11.85 -17.51 -5.36
C ASP B 186 -12.03 -18.54 -6.47
N PRO B 187 -13.08 -18.38 -7.29
CA PRO B 187 -13.39 -19.29 -8.40
C PRO B 187 -12.18 -19.68 -9.24
N LEU B 188 -11.34 -18.70 -9.57
CA LEU B 188 -10.16 -18.99 -10.38
C LEU B 188 -9.25 -19.97 -9.64
N ALA B 189 -8.98 -19.68 -8.37
CA ALA B 189 -8.12 -20.53 -7.57
C ALA B 189 -8.64 -21.96 -7.61
N ALA B 190 -9.95 -22.09 -7.39
CA ALA B 190 -10.60 -23.40 -7.39
C ALA B 190 -10.27 -24.14 -8.68
N LYS B 191 -10.43 -23.44 -9.80
CA LYS B 191 -10.16 -24.02 -11.09
C LYS B 191 -8.70 -24.44 -11.27
N ILE B 192 -7.78 -23.68 -10.68
CA ILE B 192 -6.37 -24.00 -10.77
C ILE B 192 -6.07 -25.24 -9.94
N ILE B 193 -6.65 -25.29 -8.74
CA ILE B 193 -6.48 -26.41 -7.82
C ILE B 193 -7.01 -27.68 -8.47
N ALA B 194 -8.17 -27.56 -9.13
CA ALA B 194 -8.77 -28.70 -9.80
C ALA B 194 -7.95 -29.02 -11.04
N ARG B 195 -7.66 -28.00 -11.82
CA ARG B 195 -6.89 -28.13 -13.05
C ARG B 195 -5.70 -29.08 -12.92
N SER B 196 -4.81 -28.81 -11.98
CA SER B 196 -3.64 -29.68 -11.83
C SER B 196 -3.62 -30.55 -10.58
N GLY B 197 -4.73 -30.62 -9.88
CA GLY B 197 -4.80 -31.45 -8.68
C GLY B 197 -3.82 -31.07 -7.59
N ILE B 198 -4.03 -29.91 -7.00
CA ILE B 198 -3.16 -29.42 -5.94
C ILE B 198 -3.75 -29.77 -4.57
N LYS B 199 -2.99 -30.56 -3.80
CA LYS B 199 -3.43 -30.93 -2.46
C LYS B 199 -3.56 -29.61 -1.71
N THR B 200 -4.76 -29.32 -1.24
CA THR B 200 -5.03 -28.06 -0.54
C THR B 200 -5.69 -28.22 0.83
N ILE B 201 -5.21 -27.43 1.79
CA ILE B 201 -5.75 -27.44 3.14
C ILE B 201 -6.26 -26.05 3.49
N VAL B 202 -7.48 -25.97 4.00
CA VAL B 202 -8.07 -24.69 4.37
C VAL B 202 -8.28 -24.69 5.88
N ILE B 203 -7.72 -23.70 6.56
CA ILE B 203 -7.84 -23.63 8.01
C ILE B 203 -8.08 -22.22 8.51
N GLY B 204 -8.44 -22.11 9.79
CA GLY B 204 -8.70 -20.81 10.39
C GLY B 204 -7.51 -20.31 11.19
N LYS B 205 -7.67 -19.17 11.84
CA LYS B 205 -6.60 -18.59 12.63
C LYS B 205 -6.17 -19.52 13.75
N GLU B 206 -7.14 -20.03 14.49
CA GLU B 206 -6.87 -20.94 15.61
C GLU B 206 -5.93 -22.09 15.23
N ASP B 207 -6.27 -22.81 14.17
CA ASP B 207 -5.45 -23.94 13.71
C ASP B 207 -4.14 -23.44 13.09
N ALA B 208 -4.19 -22.23 12.54
CA ALA B 208 -3.02 -21.65 11.90
C ALA B 208 -1.93 -21.36 12.92
N LYS B 209 -2.25 -21.47 14.21
CA LYS B 209 -1.28 -21.21 15.26
C LYS B 209 -0.40 -22.42 15.54
N ASP B 210 -0.50 -23.43 14.68
CA ASP B 210 0.29 -24.64 14.84
C ASP B 210 0.56 -25.26 13.47
N LEU B 211 1.06 -24.44 12.55
CA LEU B 211 1.36 -24.88 11.19
C LEU B 211 2.08 -26.21 11.13
N PHE B 212 3.18 -26.31 11.86
CA PHE B 212 3.99 -27.53 11.87
C PHE B 212 3.16 -28.80 11.93
N ARG B 213 2.13 -28.80 12.76
CA ARG B 213 1.27 -29.97 12.90
C ARG B 213 0.27 -30.00 11.76
N VAL B 214 -0.18 -28.83 11.35
CA VAL B 214 -1.14 -28.69 10.27
C VAL B 214 -0.63 -29.35 8.99
N ILE B 215 0.65 -29.12 8.68
CA ILE B 215 1.24 -29.69 7.48
C ILE B 215 1.56 -31.16 7.65
N LYS B 216 1.20 -31.72 8.80
CA LYS B 216 1.44 -33.13 9.07
C LYS B 216 0.15 -33.88 8.85
N GLY B 217 -0.95 -33.15 8.75
CA GLY B 217 -2.25 -33.77 8.55
C GLY B 217 -3.15 -33.59 9.76
N ASP B 218 -2.54 -33.18 10.86
CA ASP B 218 -3.30 -32.96 12.09
C ASP B 218 -3.79 -31.53 12.17
N HIS B 219 -5.06 -31.35 11.83
CA HIS B 219 -5.71 -30.05 11.85
C HIS B 219 -7.22 -30.30 11.77
N ASN B 220 -8.01 -29.24 11.96
CA ASN B 220 -9.46 -29.38 11.90
C ASN B 220 -10.05 -28.56 10.77
N GLY B 221 -9.43 -28.65 9.58
CA GLY B 221 -9.93 -27.91 8.45
C GLY B 221 -10.42 -28.80 7.32
N THR B 222 -10.43 -28.26 6.10
CA THR B 222 -10.89 -29.03 4.94
C THR B 222 -9.68 -29.47 4.14
N THR B 223 -9.82 -30.57 3.41
CA THR B 223 -8.72 -31.10 2.61
C THR B 223 -9.14 -31.42 1.17
N ILE B 224 -9.03 -30.41 0.30
CA ILE B 224 -9.36 -30.61 -1.10
C ILE B 224 -8.23 -31.43 -1.71
N GLU B 225 -8.57 -32.54 -2.34
CA GLU B 225 -7.54 -33.42 -2.91
C GLU B 225 -8.10 -34.30 -4.03
N PRO B 226 -7.29 -34.54 -5.07
CA PRO B 226 -7.68 -35.36 -6.22
C PRO B 226 -8.04 -36.78 -5.81
PG ANP C . 2.62 13.34 5.07
O1G ANP C . 3.16 13.59 3.72
O2G ANP C . 3.58 13.10 6.19
O3G ANP C . 1.63 12.11 5.03
PB ANP C . 2.33 16.08 6.20
O1B ANP C . 3.73 16.25 5.69
O2B ANP C . 1.32 17.03 5.77
N3B ANP C . 1.92 14.62 5.83
PA ANP C . 3.50 16.72 8.82
O1A ANP C . 2.95 16.08 10.07
O2A ANP C . 4.80 16.11 8.65
O3A ANP C . 2.33 16.35 7.77
O5' ANP C . 3.63 18.35 9.01
C5' ANP C . 3.38 19.27 10.00
C4' ANP C . 3.49 19.25 11.34
O4' ANP C . 4.61 20.02 11.42
C3' ANP C . 2.44 20.02 12.21
O3' ANP C . 1.15 19.57 12.44
C2' ANP C . 3.43 20.38 13.42
O2' ANP C . 3.20 19.29 14.49
C1' ANP C . 4.84 20.34 12.81
N9 ANP C . 5.66 21.55 12.95
C8 ANP C . 6.78 21.81 13.61
N7 ANP C . 7.33 22.95 13.57
C5 ANP C . 6.49 23.57 12.79
C6 ANP C . 6.52 24.92 12.31
N6 ANP C . 7.54 25.67 12.72
N1 ANP C . 5.51 25.38 11.48
C2 ANP C . 4.44 24.58 11.07
N3 ANP C . 4.38 23.25 11.50
C4 ANP C . 5.40 22.84 12.32
N1 U5P D . 9.37 7.46 2.28
C2 U5P D . 10.81 7.33 1.85
N3 U5P D . 11.12 7.98 0.64
C4 U5P D . 10.22 8.72 -0.19
C5 U5P D . 8.76 8.87 0.25
C6 U5P D . 8.42 8.24 1.43
O2 U5P D . 11.67 6.74 2.44
O4 U5P D . 10.66 9.38 -1.49
C1' U5P D . 8.98 6.77 3.61
C2' U5P D . 9.53 7.51 4.90
O2' U5P D . 10.13 6.52 5.79
C3' U5P D . 8.52 8.65 5.04
C4' U5P D . 7.23 7.83 4.84
O3' U5P D . 8.52 9.24 6.33
O4' U5P D . 7.51 7.05 3.72
C5' U5P D . 5.92 8.43 4.60
O5' U5P D . 6.15 9.50 3.74
P U5P D . 5.72 10.94 4.10
O1P U5P D . 6.12 11.84 2.99
O2P U5P D . 4.29 10.92 4.52
O3P U5P D . 6.63 11.22 5.37
MG MG E . 4.02 15.29 1.39
MG MG F . 6.34 17.09 5.88
MG MG G . -6.36 -15.03 0.48
PG ANP H . -8.00 -11.79 2.10
O1G ANP H . -6.96 -12.48 1.32
O2G ANP H . -9.28 -11.41 1.43
O3G ANP H . -7.39 -10.48 2.75
PB ANP H . -9.53 -14.05 3.28
O1B ANP H . -9.54 -14.56 1.88
O2B ANP H . -9.03 -14.90 4.33
N3B ANP H . -8.77 -12.70 3.24
PA ANP H . -12.42 -14.16 3.01
O1A ANP H . -13.30 -13.13 3.64
O2A ANP H . -12.51 -13.89 1.58
O3A ANP H . -11.05 -13.88 3.74
O5' ANP H . -12.94 -15.66 3.35
C5' ANP H . -13.95 -16.22 4.07
C4' ANP H . -15.24 -15.89 4.21
O4' ANP H . -15.73 -16.80 3.32
C3' ANP H . -15.94 -16.23 5.56
O3' ANP H . -15.74 -15.49 6.72
C2' ANP H . -17.40 -16.45 4.94
O2' ANP H . -18.15 -15.10 5.11
C1' ANP H . -17.18 -16.82 3.47
N9 ANP H . -17.76 -18.09 2.99
C8 ANP H . -18.69 -18.37 2.09
N7 ANP H . -19.02 -19.58 1.86
C5 ANP H . -18.22 -20.20 2.69
C6 ANP H . -18.07 -21.60 2.93
N6 ANP H . -18.85 -22.40 2.21
N1 ANP H . -17.15 -22.05 3.86
C2 ANP H . -16.35 -21.19 4.61
N3 ANP H . -16.45 -19.80 4.40
C4 ANP H . -17.38 -19.42 3.46
N1 U5P I . -6.31 -8.22 -6.38
C2 U5P I . -6.28 -8.46 -7.86
N3 U5P I . -5.32 -9.40 -8.30
C4 U5P I . -4.40 -10.11 -7.47
C5 U5P I . -4.43 -9.89 -5.96
C6 U5P I . -5.36 -8.97 -5.50
O2 U5P I . -6.99 -7.92 -8.67
O4 U5P I . -3.38 -11.11 -8.03
C1' U5P I . -7.35 -7.20 -5.85
C2' U5P I . -8.85 -7.75 -5.88
O2' U5P I . -9.70 -6.76 -6.56
C3' U5P I . -8.90 -8.56 -4.58
C4' U5P I . -8.18 -7.57 -3.63
O3' U5P I . -10.22 -8.82 -4.11
O4' U5P I . -7.09 -7.14 -4.37
C5' U5P I . -7.68 -7.93 -2.32
O5' U5P I . -7.10 -9.19 -2.48
P U5P I . -7.42 -10.38 -1.56
O1P U5P I . -6.65 -11.54 -2.03
O2P U5P I . -7.27 -9.94 -0.15
O3P U5P I . -8.97 -10.58 -1.86
MG MG J . -9.78 -16.62 0.44
#